data_3IC7
#
_entry.id   3IC7
#
_cell.length_a   82.826
_cell.length_b   82.826
_cell.length_c   85.162
_cell.angle_alpha   90.00
_cell.angle_beta   90.00
_cell.angle_gamma   120.00
#
_symmetry.space_group_name_H-M   'P 32 2 1'
#
loop_
_entity.id
_entity.type
_entity.pdbx_description
1 polymer 'Putative transcriptional regulator'
2 water water
#
_entity_poly.entity_id   1
_entity_poly.type   'polypeptide(L)'
_entity_poly.pdbx_seq_one_letter_code
;SNA(MSE)NFKESRAIYLQIADRICDDILLGQYEEEGRIPSVREYASIVEVNANTV(MSE)RSYEYLQSQEVIYNKRGIG
FFVASGAK(MSE)LIHSLRKEQFLKEEVGSFFRQLYTLGISIKEIEK(MSE)YYEFIQRQNQ
;
_entity_poly.pdbx_strand_id   A,B
#
# COMPACT_ATOMS: atom_id res chain seq x y z
N ILE A 12 7.41 -12.43 3.39
CA ILE A 12 8.02 -11.16 3.76
C ILE A 12 7.22 -10.00 3.15
N TYR A 13 7.92 -8.94 2.73
CA TYR A 13 7.25 -7.85 2.04
C TYR A 13 6.38 -8.62 1.05
N LEU A 14 6.99 -9.64 0.45
CA LEU A 14 6.44 -10.32 -0.71
C LEU A 14 5.82 -11.69 -0.45
N GLN A 15 6.57 -12.59 0.18
CA GLN A 15 6.19 -14.01 0.16
C GLN A 15 4.68 -14.14 0.26
N ILE A 16 4.13 -13.45 1.25
CA ILE A 16 2.68 -13.33 1.51
C ILE A 16 1.77 -13.31 0.26
N ALA A 17 2.12 -12.41 -0.67
CA ALA A 17 1.42 -12.24 -1.94
C ALA A 17 1.07 -13.58 -2.56
N ASP A 18 2.01 -14.51 -2.48
CA ASP A 18 1.81 -15.83 -3.03
C ASP A 18 0.83 -16.68 -2.19
N ARG A 19 0.98 -16.75 -0.88
CA ARG A 19 0.04 -17.54 -0.06
C ARG A 19 -1.35 -17.03 -0.29
N ILE A 20 -1.43 -15.73 -0.42
CA ILE A 20 -2.70 -15.07 -0.59
C ILE A 20 -3.13 -15.13 -2.04
N CYS A 21 -2.22 -14.80 -2.94
CA CYS A 21 -2.55 -14.90 -4.34
C CYS A 21 -3.05 -16.30 -4.65
N ASP A 22 -2.37 -17.31 -4.11
CA ASP A 22 -2.75 -18.68 -4.38
C ASP A 22 -4.05 -19.01 -3.65
N ASP A 23 -4.23 -18.46 -2.46
CA ASP A 23 -5.59 -18.40 -1.93
C ASP A 23 -6.46 -17.90 -3.08
N ILE A 24 -6.03 -16.82 -3.75
CA ILE A 24 -6.85 -16.12 -4.75
C ILE A 24 -7.06 -16.87 -6.07
N LEU A 25 -6.01 -17.52 -6.57
CA LEU A 25 -6.12 -18.30 -7.78
C LEU A 25 -6.74 -19.67 -7.51
N LEU A 26 -6.75 -20.06 -6.24
CA LEU A 26 -7.49 -21.22 -5.77
C LEU A 26 -8.97 -20.86 -5.64
N GLY A 27 -9.28 -19.61 -6.00
CA GLY A 27 -10.60 -19.06 -5.82
C GLY A 27 -11.01 -19.13 -4.37
N GLN A 28 -10.03 -19.30 -3.49
CA GLN A 28 -10.30 -19.33 -2.06
C GLN A 28 -10.90 -17.96 -1.67
N TYR A 29 -10.37 -16.91 -2.30
CA TYR A 29 -10.91 -15.56 -2.17
C TYR A 29 -11.42 -15.13 -3.52
N GLU A 30 -12.71 -14.78 -3.56
CA GLU A 30 -13.40 -14.36 -4.78
C GLU A 30 -13.11 -12.89 -5.17
N GLU A 31 -13.17 -12.57 -6.46
CA GLU A 31 -12.98 -11.18 -6.85
C GLU A 31 -14.23 -10.46 -6.42
N GLU A 32 -14.05 -9.26 -5.87
CA GLU A 32 -15.17 -8.49 -5.30
C GLU A 32 -15.68 -9.15 -4.03
N GLY A 33 -14.76 -9.87 -3.42
CA GLY A 33 -15.02 -10.54 -2.17
C GLY A 33 -13.82 -10.37 -1.26
N ARG A 34 -14.03 -10.67 0.01
CA ARG A 34 -13.22 -10.09 1.07
C ARG A 34 -12.04 -10.99 1.42
N ILE A 35 -10.89 -10.37 1.68
CA ILE A 35 -9.85 -11.00 2.50
C ILE A 35 -9.93 -10.52 3.94
N PRO A 36 -9.71 -11.43 4.88
CA PRO A 36 -9.95 -11.15 6.29
C PRO A 36 -8.87 -10.24 6.88
N SER A 37 -9.08 -9.77 8.11
CA SER A 37 -8.29 -8.69 8.66
C SER A 37 -6.79 -9.00 8.58
N VAL A 38 -5.98 -7.95 8.42
CA VAL A 38 -4.54 -8.07 8.60
C VAL A 38 -4.18 -8.41 10.03
N ARG A 39 -5.14 -8.21 10.95
CA ARG A 39 -5.04 -8.74 12.30
C ARG A 39 -5.07 -10.27 12.30
N GLU A 40 -6.04 -10.83 11.58
CA GLU A 40 -6.43 -12.22 11.77
C GLU A 40 -5.41 -13.17 11.14
N TYR A 41 -4.96 -12.83 9.93
CA TYR A 41 -4.27 -13.78 9.07
C TYR A 41 -2.92 -14.18 9.65
N ALA A 42 -2.28 -13.23 10.34
CA ALA A 42 -0.95 -13.47 10.92
C ALA A 42 -0.85 -14.48 12.09
N SER A 43 -2.00 -14.86 12.66
CA SER A 43 -2.09 -15.84 13.76
C SER A 43 -1.89 -17.23 13.16
N ILE A 44 -2.72 -17.47 12.13
CA ILE A 44 -2.82 -18.69 11.35
C ILE A 44 -1.50 -19.02 10.67
N VAL A 45 -0.53 -18.13 10.84
CA VAL A 45 0.72 -18.24 10.11
C VAL A 45 1.90 -17.71 10.94
N VAL A 47 4.03 -16.09 12.81
CA VAL A 47 2.98 -15.46 13.61
C VAL A 47 3.26 -13.99 13.88
N ASN A 48 3.60 -13.22 12.85
CA ASN A 48 3.78 -11.76 12.99
C ASN A 48 2.69 -10.88 12.41
N ALA A 49 2.52 -9.68 12.96
CA ALA A 49 1.40 -8.79 12.66
C ALA A 49 1.69 -7.49 11.87
N ASN A 50 2.75 -6.76 12.21
CA ASN A 50 2.92 -5.46 11.58
C ASN A 50 3.69 -5.48 10.26
N THR A 51 4.40 -6.56 9.99
CA THR A 51 5.01 -6.69 8.67
C THR A 51 3.92 -7.13 7.66
N VAL A 52 2.73 -7.42 8.20
CA VAL A 52 1.51 -7.63 7.41
C VAL A 52 0.86 -6.30 7.00
N ARG A 54 3.25 -4.07 5.61
CA ARG A 54 4.13 -3.85 4.46
C ARG A 54 3.68 -4.64 3.22
N SER A 55 2.57 -5.38 3.34
CA SER A 55 2.01 -6.13 2.19
C SER A 55 0.80 -5.51 1.48
N TYR A 56 -0.27 -5.22 2.21
CA TYR A 56 -1.46 -4.68 1.58
C TYR A 56 -1.21 -3.29 0.90
N GLU A 57 -0.13 -2.57 1.27
CA GLU A 57 0.33 -1.35 0.51
C GLU A 57 0.78 -1.82 -0.85
N TYR A 58 1.65 -2.80 -0.82
CA TYR A 58 2.26 -3.22 -2.03
C TYR A 58 1.10 -3.68 -2.92
N LEU A 59 0.23 -4.55 -2.38
CA LEU A 59 -0.93 -5.09 -3.14
C LEU A 59 -1.94 -4.08 -3.67
N GLN A 60 -2.45 -3.21 -2.79
CA GLN A 60 -3.45 -2.18 -3.13
C GLN A 60 -2.91 -0.96 -3.90
N SER A 61 -1.58 -0.83 -4.01
CA SER A 61 -0.92 0.14 -4.89
C SER A 61 -0.31 -0.63 -6.07
N GLN A 62 -0.56 -1.94 -6.08
CA GLN A 62 -0.30 -2.75 -7.26
C GLN A 62 -1.61 -3.26 -7.87
N GLU A 63 -2.72 -2.96 -7.21
CA GLU A 63 -4.03 -2.97 -7.85
C GLU A 63 -4.62 -4.38 -7.87
N VAL A 64 -3.93 -5.32 -7.21
CA VAL A 64 -4.45 -6.65 -7.01
C VAL A 64 -5.46 -6.69 -5.87
N ILE A 65 -5.76 -5.51 -5.32
CA ILE A 65 -6.52 -5.42 -4.07
C ILE A 65 -6.84 -3.97 -3.74
N TYR A 66 -7.76 -3.78 -2.79
CA TYR A 66 -8.13 -2.44 -2.34
C TYR A 66 -8.88 -2.49 -1.01
N ASN A 67 -8.89 -1.37 -0.31
CA ASN A 67 -9.54 -1.30 1.00
C ASN A 67 -10.72 -0.33 1.01
N LYS A 68 -11.93 -0.89 1.05
CA LYS A 68 -13.11 -0.10 1.29
C LYS A 68 -12.88 0.52 2.65
N ARG A 69 -13.00 1.84 2.74
CA ARG A 69 -12.56 2.56 3.92
C ARG A 69 -13.51 2.33 5.10
N GLY A 70 -13.05 1.59 6.09
CA GLY A 70 -13.85 1.28 7.26
C GLY A 70 -14.55 -0.06 7.15
N ILE A 71 -14.09 -0.89 6.22
CA ILE A 71 -14.71 -2.19 5.98
C ILE A 71 -13.67 -3.29 5.89
N GLY A 72 -12.55 -2.99 5.23
CA GLY A 72 -11.50 -3.98 5.01
C GLY A 72 -11.03 -4.02 3.57
N PHE A 73 -10.28 -5.06 3.23
CA PHE A 73 -9.76 -5.22 1.87
C PHE A 73 -10.54 -6.29 1.11
N PHE A 74 -10.54 -6.17 -0.21
CA PHE A 74 -11.35 -7.02 -1.04
C PHE A 74 -10.45 -7.47 -2.10
N VAL A 75 -10.89 -8.48 -2.81
CA VAL A 75 -10.22 -8.84 -4.03
C VAL A 75 -10.67 -7.84 -5.11
N ALA A 76 -9.73 -7.37 -5.91
CA ALA A 76 -10.03 -6.45 -6.99
C ALA A 76 -10.67 -7.22 -8.11
N SER A 77 -11.74 -6.66 -8.68
CA SER A 77 -12.43 -7.28 -9.82
C SER A 77 -11.52 -7.43 -11.03
N GLY A 78 -11.05 -8.66 -11.26
CA GLY A 78 -10.10 -9.03 -12.30
C GLY A 78 -8.71 -9.36 -11.74
N ALA A 79 -8.67 -9.99 -10.56
CA ALA A 79 -7.41 -10.17 -9.83
C ALA A 79 -6.62 -11.40 -10.31
N LYS A 80 -7.33 -12.53 -10.42
CA LYS A 80 -6.76 -13.85 -10.81
C LYS A 80 -5.92 -13.82 -12.08
N LEU A 82 -4.16 -10.64 -13.53
CA LEU A 82 -3.01 -9.78 -13.53
C LEU A 82 -1.86 -10.53 -12.89
N ILE A 83 -2.18 -11.30 -11.84
CA ILE A 83 -1.20 -12.11 -11.12
C ILE A 83 -0.51 -13.06 -12.06
N HIS A 84 -1.30 -13.84 -12.79
CA HIS A 84 -0.71 -14.80 -13.68
C HIS A 84 0.32 -14.16 -14.57
N SER A 85 -0.06 -12.96 -15.03
CA SER A 85 0.78 -12.14 -15.88
C SER A 85 2.03 -11.70 -15.15
N LEU A 86 1.84 -11.00 -14.03
CA LEU A 86 2.95 -10.55 -13.21
C LEU A 86 3.69 -11.75 -12.64
N ARG A 87 3.09 -12.92 -12.74
CA ARG A 87 3.81 -14.13 -12.50
C ARG A 87 4.52 -14.48 -13.78
N LYS A 88 3.81 -14.34 -14.91
CA LYS A 88 4.36 -14.56 -16.26
C LYS A 88 5.52 -13.60 -16.68
N GLU A 89 5.39 -12.30 -16.39
CA GLU A 89 6.36 -11.30 -16.84
C GLU A 89 7.57 -11.23 -15.93
N GLN A 90 7.47 -11.88 -14.77
CA GLN A 90 8.57 -11.95 -13.84
C GLN A 90 9.44 -13.16 -14.17
N PHE A 91 8.88 -14.08 -14.95
CA PHE A 91 9.66 -15.10 -15.62
C PHE A 91 10.53 -14.42 -16.70
N LEU A 92 10.10 -13.25 -17.21
CA LEU A 92 10.74 -12.65 -18.39
C LEU A 92 11.92 -11.69 -18.17
N LYS A 93 12.22 -11.32 -16.91
CA LYS A 93 13.37 -10.42 -16.67
C LYS A 93 14.58 -11.02 -15.95
N GLU A 94 14.38 -11.70 -14.82
CA GLU A 94 15.52 -12.36 -14.16
C GLU A 94 15.40 -13.88 -14.04
N GLU A 95 14.24 -14.45 -14.39
CA GLU A 95 14.24 -15.90 -14.46
C GLU A 95 14.65 -16.47 -15.85
N VAL A 96 14.43 -15.74 -16.93
CA VAL A 96 14.74 -16.28 -18.26
C VAL A 96 16.20 -16.10 -18.67
N GLY A 97 16.81 -14.96 -18.37
CA GLY A 97 18.19 -14.75 -18.75
C GLY A 97 19.11 -15.87 -18.27
N SER A 98 18.76 -16.39 -17.09
CA SER A 98 19.53 -17.40 -16.38
C SER A 98 19.80 -18.68 -17.23
N PHE A 99 19.26 -18.70 -18.45
CA PHE A 99 18.91 -19.93 -19.16
C PHE A 99 19.43 -19.93 -20.58
N PHE A 100 19.09 -18.89 -21.33
CA PHE A 100 19.57 -18.73 -22.70
C PHE A 100 21.08 -18.76 -22.76
N ARG A 101 21.72 -18.16 -21.76
CA ARG A 101 23.17 -18.25 -21.61
C ARG A 101 23.65 -19.68 -21.75
N GLN A 102 23.02 -20.60 -21.02
CA GLN A 102 23.52 -21.96 -20.88
C GLN A 102 23.31 -22.76 -22.16
N LEU A 103 22.06 -22.84 -22.60
CA LEU A 103 21.74 -23.40 -23.91
C LEU A 103 22.65 -22.82 -24.99
N TYR A 104 23.31 -21.71 -24.68
CA TYR A 104 24.35 -21.17 -25.53
C TYR A 104 25.70 -21.81 -25.22
N THR A 105 26.11 -21.74 -23.96
CA THR A 105 27.40 -22.28 -23.54
C THR A 105 27.51 -23.76 -23.89
N LEU A 106 26.67 -24.58 -23.27
CA LEU A 106 26.90 -26.02 -23.23
C LEU A 106 26.76 -26.64 -24.61
N GLY A 107 26.18 -25.88 -25.54
CA GLY A 107 25.99 -26.36 -26.90
C GLY A 107 24.66 -27.05 -27.09
N ILE A 108 23.58 -26.38 -26.69
CA ILE A 108 22.24 -26.95 -26.79
C ILE A 108 21.42 -26.24 -27.86
N SER A 109 20.94 -27.00 -28.84
CA SER A 109 19.96 -26.49 -29.79
C SER A 109 18.69 -26.03 -29.08
N ILE A 110 18.01 -25.05 -29.66
CA ILE A 110 16.67 -24.66 -29.22
C ILE A 110 15.70 -25.82 -29.39
N LYS A 111 15.53 -26.28 -30.63
CA LYS A 111 14.71 -27.45 -30.91
C LYS A 111 15.22 -28.68 -30.17
N GLU A 112 16.37 -28.53 -29.53
CA GLU A 112 16.87 -29.55 -28.60
C GLU A 112 16.04 -29.60 -27.33
N ILE A 113 16.11 -28.52 -26.55
CA ILE A 113 15.33 -28.42 -25.32
C ILE A 113 13.83 -28.47 -25.60
N GLU A 114 13.46 -28.09 -26.82
CA GLU A 114 12.05 -28.05 -27.20
C GLU A 114 11.47 -29.46 -27.30
N LYS A 115 12.22 -30.36 -27.94
CA LYS A 115 11.87 -31.78 -27.94
C LYS A 115 11.30 -32.17 -26.58
N TYR A 117 10.18 -30.45 -24.01
CA TYR A 117 9.02 -29.77 -23.43
C TYR A 117 7.72 -30.36 -23.93
N TYR A 118 7.80 -31.18 -24.97
CA TYR A 118 6.62 -31.74 -25.61
C TYR A 118 6.36 -33.16 -25.14
N GLU A 119 7.41 -33.83 -24.67
CA GLU A 119 7.26 -35.03 -23.86
C GLU A 119 6.84 -34.69 -22.44
N PHE A 120 7.40 -33.61 -21.91
CA PHE A 120 6.90 -33.00 -20.68
C PHE A 120 5.37 -32.90 -20.70
N ILE A 121 4.84 -32.15 -21.67
CA ILE A 121 3.42 -31.87 -21.72
C ILE A 121 2.60 -33.16 -21.76
N GLN A 122 3.19 -34.22 -22.28
CA GLN A 122 2.46 -35.44 -22.60
C GLN A 122 2.14 -36.22 -21.33
N ARG A 123 2.91 -36.00 -20.28
CA ARG A 123 2.76 -36.74 -19.04
C ARG A 123 1.70 -36.08 -18.14
N GLN A 124 1.74 -34.76 -18.07
CA GLN A 124 0.58 -33.99 -17.66
C GLN A 124 -0.70 -34.54 -18.30
N ASN A 125 -0.60 -34.92 -19.57
CA ASN A 125 -1.75 -35.39 -20.32
C ASN A 125 -2.04 -36.87 -20.07
N ALA B 11 5.93 6.53 14.41
CA ALA B 11 5.57 6.22 15.80
C ALA B 11 4.06 6.34 15.94
N ILE B 12 3.42 5.56 16.82
CA ILE B 12 1.92 5.44 16.86
C ILE B 12 1.10 6.46 17.69
N TYR B 13 1.78 7.15 18.60
CA TYR B 13 1.38 8.50 19.00
C TYR B 13 0.92 9.31 17.79
N LEU B 14 1.48 9.01 16.62
CA LEU B 14 1.29 9.84 15.44
C LEU B 14 1.04 8.99 14.20
N GLN B 15 1.20 7.68 14.36
CA GLN B 15 0.74 6.73 13.34
C GLN B 15 -0.78 6.64 13.30
N ILE B 16 -1.43 7.29 14.27
CA ILE B 16 -2.88 7.34 14.31
C ILE B 16 -3.38 8.77 14.14
N ALA B 17 -2.70 9.72 14.77
CA ALA B 17 -3.03 11.13 14.65
C ALA B 17 -3.11 11.54 13.18
N ASP B 18 -2.48 10.76 12.31
CA ASP B 18 -2.53 11.00 10.87
C ASP B 18 -3.59 10.16 10.20
N ARG B 19 -4.12 9.17 10.93
CA ARG B 19 -5.15 8.30 10.41
C ARG B 19 -6.54 8.91 10.61
N ILE B 20 -6.57 10.18 10.99
CA ILE B 20 -7.84 10.85 11.29
C ILE B 20 -8.03 12.08 10.41
N CYS B 21 -7.01 12.93 10.36
CA CYS B 21 -7.08 14.17 9.61
C CYS B 21 -7.53 13.93 8.18
N ASP B 22 -7.39 12.69 7.72
CA ASP B 22 -7.74 12.33 6.34
C ASP B 22 -9.26 12.15 6.05
N ASP B 23 -9.94 11.39 6.90
CA ASP B 23 -11.39 11.23 6.79
C ASP B 23 -12.10 12.55 7.01
N ILE B 24 -11.33 13.61 7.28
CA ILE B 24 -11.86 14.96 7.29
C ILE B 24 -11.64 15.65 5.94
N LEU B 25 -10.45 15.46 5.38
CA LEU B 25 -10.18 15.91 4.01
C LEU B 25 -11.12 15.24 3.01
N LEU B 26 -11.84 14.22 3.47
CA LEU B 26 -12.72 13.45 2.60
C LEU B 26 -14.18 13.82 2.84
N GLY B 27 -14.40 14.86 3.64
CA GLY B 27 -15.75 15.33 3.93
C GLY B 27 -16.66 14.21 4.39
N GLN B 28 -16.07 13.15 4.93
CA GLN B 28 -16.80 12.18 5.73
C GLN B 28 -17.15 12.74 7.10
N TYR B 29 -16.15 13.33 7.75
CA TYR B 29 -16.40 14.17 8.92
C TYR B 29 -16.45 15.64 8.54
N GLU B 30 -17.64 16.21 8.48
CA GLU B 30 -17.83 17.61 8.16
C GLU B 30 -17.01 18.49 9.09
N GLU B 31 -16.31 19.47 8.52
CA GLU B 31 -15.77 20.59 9.28
C GLU B 31 -16.83 21.19 10.20
N GLU B 32 -16.47 21.39 11.46
CA GLU B 32 -17.42 21.84 12.47
C GLU B 32 -18.57 20.85 12.62
N GLY B 33 -18.47 19.72 11.91
CA GLY B 33 -19.29 18.56 12.21
C GLY B 33 -18.56 17.53 13.05
N ARG B 34 -19.31 16.57 13.58
CA ARG B 34 -18.91 15.87 14.80
C ARG B 34 -18.04 14.66 14.47
N ILE B 35 -17.49 14.03 15.50
CA ILE B 35 -16.74 12.79 15.33
C ILE B 35 -16.87 11.90 16.56
N PRO B 36 -16.12 10.80 16.57
CA PRO B 36 -16.54 9.58 17.26
C PRO B 36 -16.05 9.54 18.71
N SER B 37 -16.87 9.01 19.60
CA SER B 37 -16.42 8.67 20.95
C SER B 37 -15.25 7.70 20.91
N VAL B 38 -14.16 8.05 21.59
CA VAL B 38 -12.99 7.20 21.65
C VAL B 38 -13.36 5.78 22.10
N ARG B 39 -14.04 5.68 23.23
CA ARG B 39 -14.48 4.39 23.75
C ARG B 39 -14.93 3.49 22.62
N GLU B 40 -15.66 4.09 21.67
CA GLU B 40 -16.13 3.38 20.49
C GLU B 40 -15.01 3.20 19.43
N TYR B 41 -14.18 4.21 19.19
CA TYR B 41 -13.02 4.00 18.30
C TYR B 41 -12.08 2.98 18.94
N ALA B 42 -12.47 2.49 20.12
CA ALA B 42 -11.78 1.37 20.71
C ALA B 42 -11.94 0.19 19.78
N VAL B 47 -8.34 -1.78 17.22
CA VAL B 47 -8.59 -2.66 18.35
C VAL B 47 -7.93 -2.13 19.62
N ASN B 48 -7.79 -0.81 19.72
CA ASN B 48 -7.18 -0.18 20.87
C ASN B 48 -7.70 1.23 21.11
N ALA B 49 -7.87 1.59 22.38
CA ALA B 49 -8.36 2.92 22.73
C ALA B 49 -7.46 3.58 23.77
N ASN B 50 -6.42 2.86 24.19
CA ASN B 50 -5.48 3.37 25.18
C ASN B 50 -4.61 4.50 24.63
N THR B 51 -3.73 4.16 23.69
CA THR B 51 -2.85 5.13 23.07
C THR B 51 -3.64 6.23 22.36
N VAL B 52 -4.90 5.93 22.06
CA VAL B 52 -5.77 6.90 21.39
C VAL B 52 -5.78 8.23 22.11
N ARG B 54 -3.46 9.62 23.42
CA ARG B 54 -2.28 10.33 22.94
C ARG B 54 -2.38 10.66 21.46
N SER B 55 -3.24 9.92 20.76
CA SER B 55 -3.63 10.29 19.40
C SER B 55 -4.44 11.58 19.40
N TYR B 56 -5.65 11.53 19.95
CA TYR B 56 -6.48 12.71 20.10
C TYR B 56 -5.69 13.87 20.70
N GLU B 57 -4.74 13.54 21.57
CA GLU B 57 -3.80 14.53 22.08
C GLU B 57 -3.15 15.31 20.94
N TYR B 58 -2.37 14.61 20.12
CA TYR B 58 -1.70 15.24 18.99
C TYR B 58 -2.65 16.17 18.24
N LEU B 59 -3.90 15.73 18.08
CA LEU B 59 -4.81 16.35 17.12
C LEU B 59 -5.51 17.56 17.73
N GLN B 60 -5.66 17.56 19.05
CA GLN B 60 -6.11 18.73 19.78
C GLN B 60 -5.05 19.82 19.80
N SER B 61 -3.88 19.48 20.35
CA SER B 61 -2.75 20.40 20.39
C SER B 61 -2.34 20.83 18.99
N GLN B 62 -2.96 20.22 17.98
CA GLN B 62 -2.75 20.64 16.59
C GLN B 62 -4.00 21.31 16.04
N GLU B 63 -4.92 21.69 16.92
CA GLU B 63 -6.03 22.56 16.55
C GLU B 63 -6.92 21.90 15.52
N VAL B 64 -6.63 20.65 15.20
CA VAL B 64 -7.40 19.91 14.21
C VAL B 64 -8.82 19.64 14.70
N ILE B 65 -8.95 19.43 16.01
CA ILE B 65 -10.26 19.24 16.61
C ILE B 65 -10.33 19.92 17.98
N TYR B 66 -11.55 19.97 18.53
CA TYR B 66 -11.94 20.75 19.73
C TYR B 66 -12.93 19.98 20.66
N ASN B 67 -13.35 20.58 21.78
CA ASN B 67 -14.11 19.88 22.85
C ASN B 67 -15.30 20.71 23.40
N LYS B 68 -16.49 20.10 23.49
CA LYS B 68 -17.62 20.75 24.18
C LYS B 68 -17.88 20.05 25.51
N ARG B 69 -18.00 20.83 26.59
CA ARG B 69 -17.91 20.24 27.92
C ARG B 69 -19.09 19.38 28.32
N GLY B 70 -18.91 18.07 28.14
CA GLY B 70 -19.89 17.06 28.50
C GLY B 70 -20.62 16.51 27.27
N ILE B 71 -20.44 17.18 26.13
CA ILE B 71 -21.15 16.91 24.87
C ILE B 71 -20.43 15.87 23.94
N GLY B 72 -19.19 16.17 23.57
CA GLY B 72 -18.46 15.35 22.61
C GLY B 72 -17.58 16.15 21.66
N PHE B 73 -17.28 15.54 20.50
CA PHE B 73 -16.15 15.95 19.66
C PHE B 73 -16.40 16.26 18.17
N PHE B 74 -15.94 17.45 17.74
CA PHE B 74 -16.12 17.95 16.36
C PHE B 74 -14.78 18.18 15.62
N VAL B 75 -14.85 18.32 14.30
CA VAL B 75 -13.72 18.74 13.50
C VAL B 75 -13.67 20.26 13.49
N ALA B 76 -12.55 20.83 13.90
CA ALA B 76 -12.32 22.27 13.80
C ALA B 76 -12.52 22.72 12.36
N SER B 77 -13.23 23.82 12.16
CA SER B 77 -13.51 24.28 10.80
C SER B 77 -12.22 24.45 10.01
N GLY B 78 -12.28 24.26 8.70
CA GLY B 78 -11.10 24.40 7.90
C GLY B 78 -9.94 23.65 8.54
N ALA B 79 -10.23 22.62 9.33
CA ALA B 79 -9.19 21.69 9.73
C ALA B 79 -8.85 20.89 8.50
N LYS B 80 -9.80 20.82 7.55
CA LYS B 80 -9.47 20.48 6.15
C LYS B 80 -8.20 21.27 5.77
N LEU B 82 -6.56 23.32 8.01
CA LEU B 82 -5.59 23.29 9.10
C LEU B 82 -4.68 22.08 8.93
N ILE B 83 -5.23 20.99 8.41
CA ILE B 83 -4.51 19.71 8.25
C ILE B 83 -3.60 19.61 7.00
N HIS B 84 -4.03 20.25 5.91
CA HIS B 84 -3.23 20.39 4.69
C HIS B 84 -1.90 21.03 5.02
N SER B 85 -2.00 22.10 5.80
CA SER B 85 -0.89 22.93 6.21
C SER B 85 0.21 22.24 7.05
N LEU B 86 -0.20 21.39 7.99
CA LEU B 86 0.69 20.64 8.87
C LEU B 86 1.70 19.74 8.14
N ARG B 87 1.15 18.86 7.29
CA ARG B 87 1.90 17.85 6.53
C ARG B 87 2.79 18.39 5.40
N LYS B 88 2.60 19.67 5.05
CA LYS B 88 3.46 20.40 4.13
C LYS B 88 4.83 20.68 4.73
N GLU B 89 4.88 21.32 5.89
CA GLU B 89 6.21 21.66 6.42
C GLU B 89 6.92 20.41 6.98
N GLN B 90 6.16 19.35 7.21
CA GLN B 90 6.73 18.06 7.54
C GLN B 90 7.01 17.22 6.29
N PHE B 91 7.24 17.91 5.18
CA PHE B 91 7.77 17.27 3.98
C PHE B 91 8.99 18.00 3.46
N LEU B 92 8.96 19.33 3.54
CA LEU B 92 10.07 20.16 3.07
C LEU B 92 11.16 20.26 4.14
N LYS B 93 10.75 20.14 5.40
CA LYS B 93 11.68 19.83 6.49
C LYS B 93 12.22 18.41 6.35
N GLU B 94 11.30 17.45 6.20
CA GLU B 94 11.63 16.04 6.37
C GLU B 94 12.55 15.54 5.28
N GLU B 95 12.03 15.48 4.05
CA GLU B 95 12.64 14.68 3.00
C GLU B 95 13.45 15.55 2.03
N VAL B 96 12.85 16.66 1.61
CA VAL B 96 13.48 17.54 0.63
C VAL B 96 14.98 17.68 0.89
N GLY B 97 15.33 17.89 2.15
CA GLY B 97 16.64 18.40 2.50
C GLY B 97 17.74 17.39 2.21
N SER B 98 17.47 16.12 2.50
CA SER B 98 18.26 15.03 1.95
C SER B 98 18.08 14.94 0.44
N PHE B 99 16.85 15.10 -0.02
CA PHE B 99 16.51 14.86 -1.42
C PHE B 99 17.18 15.88 -2.33
N PHE B 100 17.15 17.14 -1.92
CA PHE B 100 18.04 18.15 -2.49
C PHE B 100 19.49 17.68 -2.50
N ARG B 101 19.95 17.18 -1.36
CA ARG B 101 21.33 16.73 -1.23
C ARG B 101 21.58 15.41 -1.93
N GLN B 102 20.68 15.01 -2.82
CA GLN B 102 20.93 13.77 -3.53
C GLN B 102 21.08 14.01 -5.01
N LEU B 103 20.18 14.84 -5.55
CA LEU B 103 20.39 15.36 -6.89
C LEU B 103 21.82 15.89 -6.92
N TYR B 104 22.21 16.61 -5.86
CA TYR B 104 23.51 17.26 -5.70
C TYR B 104 24.60 16.23 -5.97
N THR B 105 24.66 15.21 -5.10
CA THR B 105 25.71 14.18 -5.16
C THR B 105 25.68 13.36 -6.44
N LEU B 106 24.48 13.26 -7.03
CA LEU B 106 24.22 12.41 -8.19
C LEU B 106 24.51 13.07 -9.54
N GLY B 107 24.60 14.39 -9.54
CA GLY B 107 24.76 15.10 -10.78
C GLY B 107 23.48 15.24 -11.59
N ILE B 108 22.29 15.25 -10.94
CA ILE B 108 21.01 15.52 -11.61
C ILE B 108 20.57 16.95 -11.40
N SER B 109 19.87 17.50 -12.41
CA SER B 109 19.41 18.89 -12.36
C SER B 109 17.88 19.10 -12.20
N ILE B 110 17.52 20.33 -11.89
CA ILE B 110 16.16 20.63 -11.69
C ILE B 110 15.49 20.81 -13.04
N LYS B 111 16.21 21.25 -14.04
CA LYS B 111 15.65 21.27 -15.36
C LYS B 111 15.35 19.83 -15.81
N GLU B 112 16.18 18.86 -15.43
CA GLU B 112 15.80 17.44 -15.69
C GLU B 112 14.73 16.86 -14.74
N ILE B 113 14.51 17.48 -13.60
CA ILE B 113 13.55 16.93 -12.63
C ILE B 113 12.15 17.54 -12.80
N GLU B 114 12.14 18.81 -13.17
CA GLU B 114 10.92 19.44 -13.59
C GLU B 114 10.56 19.10 -15.07
N LYS B 115 11.39 18.29 -15.73
CA LYS B 115 11.00 17.63 -16.97
C LYS B 115 10.06 16.48 -16.55
N TYR B 117 8.78 15.72 -13.92
CA TYR B 117 7.61 16.02 -13.12
C TYR B 117 6.45 16.50 -14.00
N TYR B 118 6.65 17.53 -14.84
CA TYR B 118 5.57 18.08 -15.70
C TYR B 118 4.99 16.99 -16.62
N GLU B 119 5.81 15.99 -16.91
CA GLU B 119 5.38 14.85 -17.72
C GLU B 119 4.81 13.73 -16.86
N PHE B 120 4.94 13.90 -15.54
CA PHE B 120 4.50 12.88 -14.60
C PHE B 120 3.00 12.97 -14.33
N ILE B 121 2.42 14.12 -14.66
CA ILE B 121 0.98 14.32 -14.53
C ILE B 121 0.23 13.57 -15.62
N GLN B 122 0.82 13.51 -16.81
CA GLN B 122 0.26 12.74 -17.92
C GLN B 122 -0.25 11.38 -17.44
N ARG B 123 0.42 10.84 -16.42
CA ARG B 123 0.16 9.47 -16.00
C ARG B 123 -1.12 9.36 -15.20
N GLN B 124 -1.49 10.44 -14.53
CA GLN B 124 -2.54 10.40 -13.51
C GLN B 124 -3.85 10.92 -14.05
N ASN B 125 -3.87 11.25 -15.35
CA ASN B 125 -5.07 11.79 -16.00
C ASN B 125 -5.77 10.85 -17.02
#